data_8WME
#
_entry.id   8WME
#
_cell.length_a   39.663
_cell.length_b   66.952
_cell.length_c   84.464
_cell.angle_alpha   90.000
_cell.angle_beta   102.460
_cell.angle_gamma   90.000
#
_symmetry.space_group_name_H-M   'P 1 21 1'
#
loop_
_entity.id
_entity.type
_entity.pdbx_description
1 polymer 'Arylalkylamine N-acetyltransferase 1'
2 non-polymer '4-(2-HYDROXYETHYL)-1-PIPERAZINE ETHANESULFONIC ACID'
3 water water
#
_entity_poly.entity_id   1
_entity_poly.type   'polypeptide(L)'
_entity_poly.pdbx_seq_one_letter_code
;GSHMPYTIELIQPEDGEAVIAMLKTFFFKAEPLNTFLDLGECKELEKYSLKPLPDNCSYKAVNKKGEIIGVFLNGLMRRP
SPDDVPEKAADSCEHPKFKKILSLMDHVEEQFNIFDVYPDEELILDGKILSVDTNYRGLGIAGRLTERAYEYMRENGINV
YHVLCSSHYSARVMEKLGFHEVFRMQFADYKPQGEVVFKPAAPHVGIQVMAKEV
;
_entity_poly.pdbx_strand_id   B,A
#
loop_
_chem_comp.id
_chem_comp.type
_chem_comp.name
_chem_comp.formula
EPE non-polymer '4-(2-HYDROXYETHYL)-1-PIPERAZINE ETHANESULFONIC ACID' 'C8 H18 N2 O4 S'
#
# COMPACT_ATOMS: atom_id res chain seq x y z
N PRO A 5 -7.37 5.02 -19.25
CA PRO A 5 -6.86 6.08 -20.14
C PRO A 5 -5.38 6.39 -19.87
N TYR A 6 -4.86 5.80 -18.81
CA TYR A 6 -3.50 6.06 -18.35
C TYR A 6 -3.10 4.97 -17.37
N THR A 7 -1.78 4.79 -17.23
CA THR A 7 -1.20 3.95 -16.20
C THR A 7 -0.36 4.84 -15.28
N ILE A 8 -0.15 4.39 -14.05
CA ILE A 8 0.67 5.08 -13.06
C ILE A 8 1.94 4.26 -12.86
N GLU A 9 3.10 4.88 -13.07
CA GLU A 9 4.36 4.18 -13.04
C GLU A 9 5.40 5.01 -12.30
N LEU A 10 6.41 4.33 -11.78
CA LEU A 10 7.55 4.99 -11.18
C LEU A 10 8.41 5.66 -12.24
N ILE A 11 8.89 6.86 -11.89
CA ILE A 11 9.76 7.63 -12.78
C ILE A 11 11.19 7.11 -12.64
N GLN A 12 11.74 6.55 -13.75
CA GLN A 12 13.06 5.94 -13.89
C GLN A 12 14.12 7.00 -14.17
N PRO A 13 15.38 6.77 -13.81
CA PRO A 13 16.43 7.77 -14.10
C PRO A 13 16.51 8.15 -15.57
N GLU A 14 16.12 7.25 -16.47
CA GLU A 14 16.09 7.53 -17.90
C GLU A 14 15.05 8.55 -18.29
N ASP A 15 14.21 9.00 -17.36
CA ASP A 15 13.02 9.79 -17.68
C ASP A 15 13.23 11.28 -17.53
N GLY A 16 14.43 11.74 -17.13
CA GLY A 16 14.60 13.15 -16.77
C GLY A 16 14.29 14.10 -17.91
N GLU A 17 14.80 13.79 -19.11
CA GLU A 17 14.50 14.62 -20.27
C GLU A 17 13.02 14.64 -20.59
N ALA A 18 12.36 13.49 -20.50
CA ALA A 18 10.92 13.47 -20.73
C ALA A 18 10.18 14.23 -19.65
N VAL A 19 10.64 14.13 -18.39
CA VAL A 19 10.04 14.91 -17.31
C VAL A 19 10.18 16.40 -17.60
N ILE A 20 11.42 16.84 -17.87
CA ILE A 20 11.64 18.27 -18.13
C ILE A 20 10.79 18.74 -19.30
N ALA A 21 10.81 17.97 -20.40
CA ALA A 21 9.97 18.31 -21.55
C ALA A 21 8.50 18.45 -21.17
N MET A 22 8.00 17.59 -20.28
CA MET A 22 6.60 17.68 -19.89
C MET A 22 6.34 18.89 -19.00
N LEU A 23 7.29 19.27 -18.17
CA LEU A 23 7.07 20.43 -17.31
C LEU A 23 7.22 21.75 -18.07
N LYS A 24 8.04 21.74 -19.14
CA LYS A 24 8.17 22.91 -20.02
C LYS A 24 6.91 23.19 -20.82
N THR A 25 6.05 22.19 -20.99
CA THR A 25 4.81 22.35 -21.73
C THR A 25 3.70 22.93 -20.88
N PHE A 26 3.63 22.57 -19.60
CA PHE A 26 2.43 22.76 -18.80
C PHE A 26 2.65 23.50 -17.50
N PHE A 27 3.84 23.41 -16.92
CA PHE A 27 4.01 23.72 -15.51
C PHE A 27 4.85 24.97 -15.26
N PHE A 28 6.05 25.05 -15.84
CA PHE A 28 6.95 26.15 -15.53
C PHE A 28 6.31 27.48 -15.85
N LYS A 29 5.70 27.60 -17.04
CA LYS A 29 5.09 28.87 -17.41
C LYS A 29 3.95 29.25 -16.47
N ALA A 30 3.20 28.27 -15.98
CA ALA A 30 2.00 28.53 -15.21
C ALA A 30 2.21 28.69 -13.71
N GLU A 31 3.42 28.43 -13.19
CA GLU A 31 3.66 28.64 -11.77
C GLU A 31 3.50 30.11 -11.43
N PRO A 32 2.68 30.46 -10.43
CA PRO A 32 2.37 31.88 -10.18
C PRO A 32 3.57 32.74 -9.84
N LEU A 33 4.50 32.25 -9.00
CA LEU A 33 5.72 32.99 -8.75
C LEU A 33 6.58 33.14 -10.00
N ASN A 34 6.63 32.11 -10.86
CA ASN A 34 7.32 32.27 -12.14
C ASN A 34 6.65 33.37 -12.95
N THR A 35 5.32 33.28 -13.12
CA THR A 35 4.58 34.28 -13.89
C THR A 35 4.82 35.66 -13.34
N PHE A 36 4.85 35.79 -12.01
CA PHE A 36 5.02 37.11 -11.42
C PHE A 36 6.41 37.67 -11.71
N LEU A 37 7.44 36.84 -11.64
CA LEU A 37 8.78 37.38 -11.92
C LEU A 37 9.06 37.50 -13.41
N ASP A 38 8.11 37.10 -14.28
CA ASP A 38 8.39 36.86 -15.70
C ASP A 38 9.66 36.03 -15.86
N LEU A 39 9.74 34.99 -15.04
CA LEU A 39 10.78 33.99 -15.20
C LEU A 39 10.36 33.10 -16.36
N GLY A 40 11.25 32.92 -17.33
CA GLY A 40 10.88 32.14 -18.48
C GLY A 40 11.39 30.73 -18.32
N GLU A 41 11.88 30.16 -19.42
CA GLU A 41 12.69 28.97 -19.30
C GLU A 41 13.96 29.32 -18.56
N CYS A 42 14.46 28.38 -17.77
CA CYS A 42 15.57 28.70 -16.88
C CYS A 42 16.26 27.40 -16.49
N LYS A 43 17.58 27.38 -16.65
CA LYS A 43 18.33 26.14 -16.48
C LYS A 43 18.48 25.77 -15.01
N GLU A 44 18.71 26.76 -14.14
CA GLU A 44 18.72 26.49 -12.71
C GLU A 44 17.38 25.89 -12.28
N LEU A 45 16.27 26.46 -12.75
CA LEU A 45 14.95 26.00 -12.35
C LEU A 45 14.73 24.57 -12.79
N GLU A 46 15.19 24.21 -13.98
CA GLU A 46 14.98 22.86 -14.49
C GLU A 46 15.76 21.84 -13.68
N LYS A 47 17.00 22.15 -13.32
CA LYS A 47 17.79 21.18 -12.56
C LYS A 47 17.30 21.08 -11.12
N TYR A 48 17.01 22.22 -10.47
CA TYR A 48 16.35 22.14 -9.16
C TYR A 48 15.07 21.30 -9.23
N SER A 49 14.31 21.39 -10.32
CA SER A 49 13.07 20.64 -10.42
C SER A 49 13.31 19.13 -10.53
N LEU A 50 14.41 18.71 -11.14
CA LEU A 50 14.78 17.30 -11.31
C LEU A 50 15.56 16.73 -10.12
N LYS A 51 15.95 17.55 -9.15
CA LYS A 51 16.70 17.08 -7.98
C LYS A 51 16.08 15.88 -7.25
N PRO A 52 14.76 15.78 -7.06
CA PRO A 52 14.22 14.65 -6.28
C PRO A 52 14.36 13.29 -6.96
N LEU A 53 14.47 13.22 -8.29
CA LEU A 53 14.39 11.96 -9.04
C LEU A 53 15.21 10.80 -8.45
N PRO A 54 16.53 10.95 -8.13
CA PRO A 54 17.27 9.81 -7.57
C PRO A 54 16.71 9.26 -6.26
N ASP A 55 15.78 9.97 -5.63
CA ASP A 55 15.16 9.39 -4.43
C ASP A 55 14.25 8.23 -4.77
N ASN A 56 13.83 8.11 -6.04
CA ASN A 56 13.06 6.96 -6.56
C ASN A 56 11.70 6.82 -5.89
N CYS A 57 11.06 7.94 -5.62
CA CYS A 57 9.68 7.93 -5.16
C CYS A 57 8.85 8.96 -5.91
N SER A 58 9.26 9.32 -7.12
CA SER A 58 8.48 10.17 -8.01
C SER A 58 7.65 9.29 -8.93
N TYR A 59 6.49 9.80 -9.33
CA TYR A 59 5.55 8.99 -10.09
C TYR A 59 5.05 9.77 -11.28
N LYS A 60 4.68 9.03 -12.30
CA LYS A 60 4.24 9.59 -13.56
C LYS A 60 3.01 8.85 -14.04
N ALA A 61 2.15 9.59 -14.73
CA ALA A 61 1.00 9.05 -15.44
C ALA A 61 1.30 9.11 -16.92
N VAL A 62 1.16 7.97 -17.60
CA VAL A 62 1.51 7.86 -19.00
C VAL A 62 0.30 7.35 -19.79
N ASN A 63 0.13 7.86 -21.00
CA ASN A 63 -1.02 7.52 -21.83
C ASN A 63 -0.71 6.30 -22.71
N LYS A 64 -1.60 6.00 -23.67
CA LYS A 64 -1.45 4.79 -24.47
C LYS A 64 -0.23 4.85 -25.38
N LYS A 65 0.21 6.05 -25.74
CA LYS A 65 1.40 6.22 -26.54
C LYS A 65 2.69 6.21 -25.73
N GLY A 66 2.63 5.95 -24.42
CA GLY A 66 3.81 6.02 -23.57
C GLY A 66 4.32 7.42 -23.27
N GLU A 67 3.51 8.46 -23.48
CA GLU A 67 3.92 9.84 -23.21
C GLU A 67 3.54 10.23 -21.79
N ILE A 68 4.43 10.98 -21.13
CA ILE A 68 4.13 11.44 -19.79
C ILE A 68 3.10 12.54 -19.89
N ILE A 69 1.96 12.34 -19.24
CA ILE A 69 0.87 13.29 -19.19
C ILE A 69 0.66 13.85 -17.80
N GLY A 70 1.34 13.30 -16.79
CA GLY A 70 1.29 13.83 -15.45
C GLY A 70 2.48 13.32 -14.67
N VAL A 71 2.96 14.15 -13.72
CA VAL A 71 3.99 13.75 -12.79
C VAL A 71 3.63 14.25 -11.40
N PHE A 72 4.20 13.58 -10.40
CA PHE A 72 4.25 14.12 -9.04
C PHE A 72 5.65 13.80 -8.54
N LEU A 73 6.52 14.82 -8.55
CA LEU A 73 7.91 14.65 -8.14
C LEU A 73 8.02 14.76 -6.63
N ASN A 74 8.55 13.71 -5.99
CA ASN A 74 8.70 13.68 -4.55
C ASN A 74 10.18 13.53 -4.20
N GLY A 75 10.57 14.14 -3.10
CA GLY A 75 11.87 13.87 -2.50
C GLY A 75 11.72 13.31 -1.10
N LEU A 76 12.77 12.66 -0.60
CA LEU A 76 12.81 12.19 0.78
C LEU A 76 13.37 13.29 1.68
N MET A 77 12.77 13.43 2.88
CA MET A 77 13.18 14.39 3.90
C MET A 77 13.53 13.63 5.17
N ARG A 78 14.82 13.57 5.48
CA ARG A 78 15.28 12.87 6.68
C ARG A 78 15.33 13.85 7.84
N ARG A 79 14.87 13.41 9.01
CA ARG A 79 14.98 14.25 10.19
C ARG A 79 16.45 14.63 10.40
N PRO A 80 16.77 15.93 10.50
CA PRO A 80 18.18 16.34 10.65
C PRO A 80 18.80 15.81 11.94
N SER A 81 20.07 15.41 11.84
CA SER A 81 20.89 15.13 13.01
C SER A 81 21.22 16.44 13.74
N PRO A 82 21.61 16.36 15.02
CA PRO A 82 21.90 17.61 15.75
C PRO A 82 23.12 18.34 15.20
N ASP A 83 24.07 17.61 14.64
CA ASP A 83 25.20 18.22 13.92
C ASP A 83 24.74 19.02 12.71
N ASP A 84 23.66 18.57 12.05
CA ASP A 84 23.30 19.10 10.75
C ASP A 84 22.79 20.54 10.87
N VAL A 85 23.26 21.38 9.96
CA VAL A 85 22.80 22.77 9.85
C VAL A 85 21.91 22.84 8.61
N PRO A 86 20.90 23.70 8.58
CA PRO A 86 20.03 23.74 7.39
C PRO A 86 20.77 24.31 6.19
N GLU A 87 20.50 23.74 5.02
CA GLU A 87 21.06 24.21 3.76
C GLU A 87 20.23 25.37 3.22
N LYS A 88 20.92 26.41 2.74
CA LYS A 88 20.28 27.57 2.13
C LYS A 88 20.45 27.46 0.62
N ALA A 89 19.39 26.98 -0.05
CA ALA A 89 19.46 26.74 -1.49
C ALA A 89 19.57 28.03 -2.29
N ALA A 90 19.14 29.18 -1.75
CA ALA A 90 19.30 30.46 -2.45
C ALA A 90 20.77 30.83 -2.62
N ASP A 91 21.58 30.60 -1.59
CA ASP A 91 23.02 30.59 -1.78
C ASP A 91 23.39 29.48 -2.76
N SER A 92 24.41 29.73 -3.58
CA SER A 92 24.86 28.84 -4.65
C SER A 92 23.92 28.84 -5.84
N CYS A 93 22.83 29.60 -5.82
CA CYS A 93 22.04 29.82 -7.02
C CYS A 93 22.44 31.16 -7.61
N GLU A 94 22.54 31.20 -8.93
CA GLU A 94 23.11 32.37 -9.58
C GLU A 94 22.10 33.16 -10.41
N HIS A 95 20.96 32.58 -10.75
CA HIS A 95 20.00 33.32 -11.55
C HIS A 95 19.29 34.37 -10.69
N PRO A 96 19.17 35.62 -11.16
CA PRO A 96 18.60 36.68 -10.30
C PRO A 96 17.16 36.43 -9.87
N LYS A 97 16.28 36.05 -10.81
CA LYS A 97 14.89 35.86 -10.48
C LYS A 97 14.68 34.57 -9.69
N PHE A 98 15.34 33.47 -10.11
CA PHE A 98 15.10 32.20 -9.44
C PHE A 98 15.66 32.18 -8.02
N LYS A 99 16.79 32.85 -7.78
CA LYS A 99 17.26 32.98 -6.41
C LYS A 99 16.20 33.60 -5.49
N LYS A 100 15.38 34.53 -6.00
CA LYS A 100 14.28 35.08 -5.21
C LYS A 100 13.31 34.00 -4.77
N ILE A 101 13.05 33.02 -5.63
CA ILE A 101 12.11 31.97 -5.27
C ILE A 101 12.75 31.00 -4.28
N LEU A 102 14.04 30.69 -4.49
CA LEU A 102 14.77 29.82 -3.56
C LEU A 102 14.98 30.49 -2.23
N SER A 103 15.13 31.81 -2.20
CA SER A 103 15.19 32.54 -0.94
C SER A 103 13.90 32.38 -0.17
N LEU A 104 12.76 32.59 -0.86
CA LEU A 104 11.46 32.39 -0.23
C LEU A 104 11.35 31.00 0.38
N MET A 105 11.80 29.97 -0.36
CA MET A 105 11.69 28.60 0.12
C MET A 105 12.53 28.38 1.36
N ASP A 106 13.77 28.90 1.35
CA ASP A 106 14.58 28.96 2.57
C ASP A 106 13.84 29.67 3.70
N HIS A 107 13.22 30.82 3.40
CA HIS A 107 12.52 31.55 4.46
C HIS A 107 11.40 30.70 5.05
N VAL A 108 10.70 29.92 4.24
CA VAL A 108 9.63 29.08 4.77
C VAL A 108 10.20 28.00 5.69
N GLU A 109 11.27 27.33 5.28
CA GLU A 109 11.85 26.30 6.15
C GLU A 109 12.41 26.90 7.43
N GLU A 110 12.75 28.19 7.40
CA GLU A 110 13.20 28.89 8.60
C GLU A 110 12.06 29.18 9.55
N GLN A 111 10.85 29.42 9.02
CA GLN A 111 9.72 29.81 9.85
C GLN A 111 8.84 28.64 10.24
N PHE A 112 8.94 27.50 9.57
CA PHE A 112 8.11 26.35 9.87
C PHE A 112 8.93 25.08 9.72
N ASN A 113 9.00 24.28 10.79
CA ASN A 113 9.72 23.02 10.81
C ASN A 113 8.72 21.88 10.94
N ILE A 114 8.41 21.21 9.83
CA ILE A 114 7.43 20.12 9.85
C ILE A 114 7.83 19.04 10.86
N PHE A 115 9.14 18.82 11.06
CA PHE A 115 9.62 17.78 11.97
C PHE A 115 9.38 18.09 13.44
N ASP A 116 9.06 19.35 13.78
CA ASP A 116 8.61 19.64 15.14
C ASP A 116 7.13 19.29 15.35
N VAL A 117 6.34 19.32 14.27
CA VAL A 117 4.91 18.99 14.35
C VAL A 117 4.72 17.51 14.66
N TYR A 118 5.56 16.64 14.06
CA TYR A 118 5.47 15.18 14.17
C TYR A 118 6.78 14.65 14.76
N PRO A 119 6.91 14.67 16.09
CA PRO A 119 8.21 14.32 16.69
C PRO A 119 8.58 12.85 16.57
N ASP A 120 7.61 11.96 16.34
CA ASP A 120 7.95 10.54 16.20
C ASP A 120 8.38 10.15 14.79
N GLU A 121 8.50 11.09 13.85
CA GLU A 121 8.80 10.77 12.46
C GLU A 121 10.26 11.05 12.14
N GLU A 122 10.98 10.02 11.69
CA GLU A 122 12.35 10.21 11.23
C GLU A 122 12.43 10.52 9.74
N LEU A 123 11.40 10.18 8.97
CA LEU A 123 11.42 10.28 7.52
C LEU A 123 10.07 10.74 7.03
N ILE A 124 10.05 11.71 6.12
CA ILE A 124 8.82 12.34 5.66
C ILE A 124 8.89 12.49 4.14
N LEU A 125 7.80 12.14 3.46
CA LEU A 125 7.74 12.29 2.01
C LEU A 125 7.38 13.72 1.64
N ASP A 126 8.08 14.28 0.66
CA ASP A 126 7.98 15.70 0.31
C ASP A 126 7.53 15.89 -1.14
N GLY A 127 6.25 16.26 -1.32
CA GLY A 127 5.71 16.49 -2.64
C GLY A 127 6.18 17.81 -3.24
N LYS A 128 6.95 17.73 -4.33
CA LYS A 128 7.61 18.93 -4.84
C LYS A 128 6.84 19.57 -5.99
N ILE A 129 6.50 18.78 -7.01
CA ILE A 129 5.91 19.28 -8.25
C ILE A 129 4.80 18.32 -8.65
N LEU A 130 3.59 18.83 -8.83
CA LEU A 130 2.48 18.08 -9.38
C LEU A 130 1.99 18.85 -10.60
N SER A 131 1.92 18.16 -11.74
CA SER A 131 1.56 18.76 -13.01
C SER A 131 0.85 17.70 -13.83
N VAL A 132 -0.24 18.10 -14.50
CA VAL A 132 -1.02 17.21 -15.35
C VAL A 132 -1.33 17.94 -16.65
N ASP A 133 -1.01 17.30 -17.78
CA ASP A 133 -1.49 17.69 -19.11
C ASP A 133 -2.95 18.11 -19.08
N THR A 134 -3.24 19.30 -19.61
CA THR A 134 -4.62 19.77 -19.67
C THR A 134 -5.54 18.81 -20.41
N ASN A 135 -5.01 18.11 -21.44
CA ASN A 135 -5.84 17.13 -22.15
C ASN A 135 -6.25 15.95 -21.29
N TYR A 136 -5.59 15.75 -20.13
CA TYR A 136 -5.85 14.61 -19.24
C TYR A 136 -6.28 15.04 -17.84
N ARG A 137 -6.57 16.33 -17.63
CA ARG A 137 -7.04 16.79 -16.35
C ARG A 137 -8.48 16.35 -16.10
N GLY A 138 -8.86 16.31 -14.83
CA GLY A 138 -10.20 15.94 -14.44
C GLY A 138 -10.50 14.47 -14.49
N LEU A 139 -9.48 13.62 -14.70
CA LEU A 139 -9.63 12.16 -14.74
C LEU A 139 -9.10 11.48 -13.48
N GLY A 140 -8.97 12.20 -12.38
CA GLY A 140 -8.50 11.60 -11.13
C GLY A 140 -7.01 11.33 -11.06
N ILE A 141 -6.19 11.93 -11.93
CA ILE A 141 -4.77 11.58 -11.99
C ILE A 141 -4.03 11.99 -10.73
N ALA A 142 -4.25 13.22 -10.25
CA ALA A 142 -3.56 13.66 -9.04
C ALA A 142 -3.86 12.74 -7.86
N GLY A 143 -5.09 12.25 -7.76
CA GLY A 143 -5.41 11.31 -6.69
C GLY A 143 -4.71 9.98 -6.89
N ARG A 144 -4.64 9.49 -8.13
CA ARG A 144 -3.95 8.23 -8.38
C ARG A 144 -2.44 8.35 -8.15
N LEU A 145 -1.84 9.43 -8.62
CA LEU A 145 -0.44 9.69 -8.31
C LEU A 145 -0.23 9.78 -6.79
N THR A 146 -1.19 10.36 -6.07
CA THR A 146 -1.02 10.47 -4.62
C THR A 146 -1.25 9.12 -3.93
N GLU A 147 -2.21 8.33 -4.42
CA GLU A 147 -2.40 6.98 -3.91
C GLU A 147 -1.16 6.13 -4.14
N ARG A 148 -0.47 6.33 -5.28
CA ARG A 148 0.76 5.60 -5.51
C ARG A 148 1.86 5.98 -4.52
N ALA A 149 1.90 7.25 -4.08
CA ALA A 149 2.85 7.60 -3.04
C ALA A 149 2.45 7.02 -1.70
N TYR A 150 1.15 6.76 -1.49
CA TYR A 150 0.76 6.11 -0.24
C TYR A 150 1.32 4.70 -0.17
N GLU A 151 1.39 4.00 -1.30
CA GLU A 151 1.98 2.66 -1.30
C GLU A 151 3.46 2.71 -0.94
N TYR A 152 4.19 3.65 -1.55
CA TYR A 152 5.59 3.85 -1.20
C TYR A 152 5.75 4.18 0.28
N MET A 153 4.94 5.11 0.78
CA MET A 153 5.02 5.47 2.19
C MET A 153 4.81 4.25 3.08
N ARG A 154 3.88 3.37 2.70
CA ARG A 154 3.62 2.19 3.52
C ARG A 154 4.78 1.20 3.47
N GLU A 155 5.41 1.01 2.30
CA GLU A 155 6.53 0.07 2.23
C GLU A 155 7.75 0.60 2.99
N ASN A 156 7.87 1.91 3.17
CA ASN A 156 9.07 2.49 3.78
C ASN A 156 8.78 3.12 5.14
N GLY A 157 7.66 2.77 5.78
CA GLY A 157 7.36 3.26 7.11
C GLY A 157 7.22 4.76 7.25
N ILE A 158 6.75 5.44 6.20
CA ILE A 158 6.52 6.88 6.23
C ILE A 158 5.06 7.14 6.60
N ASN A 159 4.81 8.08 7.50
CA ASN A 159 3.45 8.41 7.87
C ASN A 159 2.98 9.79 7.43
N VAL A 160 3.89 10.69 7.03
CA VAL A 160 3.54 12.08 6.78
C VAL A 160 3.94 12.46 5.36
N TYR A 161 2.97 12.94 4.59
CA TYR A 161 3.17 13.44 3.22
C TYR A 161 3.08 14.96 3.30
N HIS A 162 4.20 15.64 3.06
CA HIS A 162 4.33 17.09 3.19
C HIS A 162 4.42 17.69 1.80
N VAL A 163 3.61 18.72 1.53
CA VAL A 163 3.51 19.31 0.20
C VAL A 163 3.48 20.82 0.38
N LEU A 164 4.57 21.50 0.01
CA LEU A 164 4.62 22.95 0.02
C LEU A 164 4.00 23.47 -1.27
N CYS A 165 2.98 24.33 -1.14
CA CYS A 165 2.24 24.84 -2.29
C CYS A 165 2.48 26.34 -2.42
N SER A 166 3.06 26.73 -3.55
CA SER A 166 3.16 28.11 -3.99
C SER A 166 1.97 28.53 -4.81
N SER A 167 1.09 27.60 -5.18
CA SER A 167 -0.09 27.88 -5.98
C SER A 167 -1.34 27.46 -5.22
N HIS A 168 -2.34 28.35 -5.16
CA HIS A 168 -3.60 27.98 -4.53
C HIS A 168 -4.29 26.82 -5.23
N TYR A 169 -4.04 26.64 -6.53
CA TYR A 169 -4.69 25.53 -7.23
C TYR A 169 -4.14 24.19 -6.76
N SER A 170 -2.81 24.12 -6.55
CA SER A 170 -2.21 22.91 -6.01
C SER A 170 -2.68 22.64 -4.58
N ALA A 171 -2.77 23.69 -3.75
CA ALA A 171 -3.20 23.51 -2.37
C ALA A 171 -4.65 23.08 -2.30
N ARG A 172 -5.49 23.55 -3.24
CA ARG A 172 -6.88 23.09 -3.27
C ARG A 172 -6.96 21.64 -3.71
N VAL A 173 -6.10 21.23 -4.65
CA VAL A 173 -6.07 19.84 -5.08
C VAL A 173 -5.72 18.92 -3.90
N MET A 174 -4.68 19.28 -3.13
CA MET A 174 -4.29 18.48 -1.96
C MET A 174 -5.35 18.54 -0.87
N GLU A 175 -5.97 19.70 -0.67
CA GLU A 175 -7.04 19.80 0.31
C GLU A 175 -8.16 18.81 0.00
N LYS A 176 -8.54 18.71 -1.28
CA LYS A 176 -9.58 17.79 -1.69
C LYS A 176 -9.16 16.33 -1.47
N LEU A 177 -7.85 16.01 -1.56
CA LEU A 177 -7.35 14.67 -1.26
C LEU A 177 -7.15 14.42 0.23
N GLY A 178 -7.69 15.27 1.10
CA GLY A 178 -7.59 15.06 2.52
C GLY A 178 -6.34 15.61 3.19
N PHE A 179 -5.55 16.41 2.49
CA PHE A 179 -4.46 17.12 3.14
C PHE A 179 -5.02 18.29 3.91
N HIS A 180 -4.34 18.70 4.98
CA HIS A 180 -4.74 19.88 5.71
C HIS A 180 -3.59 20.87 5.79
N GLU A 181 -3.94 22.15 5.88
CA GLU A 181 -2.98 23.24 5.94
C GLU A 181 -2.31 23.27 7.31
N VAL A 182 -1.00 23.06 7.34
CA VAL A 182 -0.28 23.12 8.62
C VAL A 182 0.50 24.40 8.79
N PHE A 183 0.59 25.23 7.75
CA PHE A 183 1.34 26.48 7.84
C PHE A 183 0.98 27.34 6.64
N ARG A 184 0.95 28.64 6.86
CA ARG A 184 0.63 29.57 5.81
C ARG A 184 1.50 30.81 5.97
N MET A 185 2.02 31.30 4.84
CA MET A 185 2.75 32.56 4.83
C MET A 185 2.22 33.39 3.67
N GLN A 186 1.70 34.57 3.97
CA GLN A 186 1.11 35.42 2.94
C GLN A 186 2.21 36.14 2.17
N PHE A 187 2.00 36.30 0.87
CA PHE A 187 2.98 37.04 0.08
C PHE A 187 3.03 38.51 0.49
N ALA A 188 1.91 39.03 1.00
CA ALA A 188 1.87 40.38 1.54
C ALA A 188 2.66 40.53 2.83
N ASP A 189 3.04 39.42 3.46
CA ASP A 189 3.81 39.43 4.70
C ASP A 189 5.26 39.00 4.50
N TYR A 190 5.65 38.62 3.29
CA TYR A 190 7.03 38.22 3.02
C TYR A 190 7.79 39.46 2.58
N LYS A 191 8.48 40.10 3.52
CA LYS A 191 9.24 41.32 3.26
C LYS A 191 10.65 41.16 3.84
N PRO A 192 11.46 40.27 3.25
CA PRO A 192 12.73 39.91 3.89
C PRO A 192 13.70 41.08 4.05
N GLN A 193 13.71 42.00 3.09
CA GLN A 193 14.51 43.22 3.23
C GLN A 193 13.57 44.42 3.30
N GLY A 194 12.64 44.39 4.26
CA GLY A 194 11.73 45.49 4.47
C GLY A 194 10.63 45.68 3.46
N GLU A 195 10.69 45.03 2.30
CA GLU A 195 9.73 45.32 1.24
C GLU A 195 9.17 44.03 0.63
N VAL A 196 7.96 44.16 0.11
CA VAL A 196 7.24 43.04 -0.49
C VAL A 196 7.97 42.58 -1.74
N VAL A 197 8.21 41.27 -1.84
CA VAL A 197 8.93 40.68 -2.94
C VAL A 197 7.98 40.05 -3.96
N PHE A 198 6.96 39.35 -3.50
CA PHE A 198 6.00 38.71 -4.39
C PHE A 198 4.61 39.29 -4.19
N LYS A 199 3.98 39.72 -5.28
CA LYS A 199 2.56 40.02 -5.31
C LYS A 199 1.96 39.38 -6.55
N PRO A 200 1.74 38.07 -6.51
CA PRO A 200 1.21 37.36 -7.70
C PRO A 200 -0.28 37.60 -7.85
N ALA A 201 -0.80 37.14 -8.99
CA ALA A 201 -2.22 37.27 -9.29
C ALA A 201 -3.06 36.53 -8.26
N ALA A 202 -4.16 37.14 -7.85
CA ALA A 202 -5.14 36.38 -7.08
C ALA A 202 -5.58 35.19 -7.93
N PRO A 203 -5.90 34.05 -7.30
CA PRO A 203 -6.03 33.79 -5.86
C PRO A 203 -4.78 33.25 -5.15
N HIS A 204 -3.59 33.40 -5.73
CA HIS A 204 -2.36 32.92 -5.10
C HIS A 204 -1.86 33.98 -4.11
N VAL A 205 -2.38 33.94 -2.88
CA VAL A 205 -2.09 34.95 -1.88
C VAL A 205 -0.95 34.57 -0.95
N GLY A 206 -0.52 33.31 -0.94
CA GLY A 206 0.61 32.97 -0.10
C GLY A 206 0.97 31.51 -0.22
N ILE A 207 1.93 31.11 0.63
CA ILE A 207 2.40 29.74 0.69
C ILE A 207 1.51 28.97 1.65
N GLN A 208 1.08 27.78 1.23
CA GLN A 208 0.38 26.83 2.09
C GLN A 208 1.17 25.55 2.15
N VAL A 209 1.62 25.19 3.34
CA VAL A 209 2.26 23.89 3.54
C VAL A 209 1.16 22.92 3.96
N MET A 210 0.85 21.97 3.07
CA MET A 210 -0.18 20.98 3.29
C MET A 210 0.41 19.65 3.74
N ALA A 211 -0.32 18.96 4.60
CA ALA A 211 0.16 17.70 5.14
C ALA A 211 -0.98 16.70 5.30
N LYS A 212 -0.64 15.44 5.16
CA LYS A 212 -1.55 14.35 5.44
C LYS A 212 -0.81 13.34 6.31
N GLU A 213 -1.55 12.75 7.24
CA GLU A 213 -1.04 11.70 8.11
C GLU A 213 -1.78 10.42 7.74
N VAL A 214 -1.07 9.45 7.20
CA VAL A 214 -1.74 8.26 6.65
C VAL A 214 -1.69 7.13 7.66
N PRO B 5 -8.57 -25.62 29.46
CA PRO B 5 -7.70 -24.45 29.61
C PRO B 5 -7.98 -23.36 28.55
N TYR B 6 -9.02 -23.58 27.74
CA TYR B 6 -9.45 -22.58 26.77
C TYR B 6 -10.89 -22.85 26.42
N THR B 7 -11.54 -21.82 25.87
CA THR B 7 -12.86 -21.89 25.28
C THR B 7 -12.75 -21.69 23.78
N ILE B 8 -13.78 -22.13 23.03
CA ILE B 8 -13.88 -21.90 21.58
C ILE B 8 -15.14 -21.10 21.31
N GLU B 9 -15.00 -19.97 20.61
CA GLU B 9 -16.07 -19.00 20.50
C GLU B 9 -16.06 -18.41 19.09
N LEU B 10 -17.23 -17.96 18.66
CA LEU B 10 -17.34 -17.28 17.37
C LEU B 10 -16.55 -15.98 17.40
N ILE B 11 -15.81 -15.70 16.33
CA ILE B 11 -15.11 -14.43 16.19
C ILE B 11 -16.14 -13.35 15.80
N GLN B 12 -16.36 -12.38 16.67
CA GLN B 12 -17.26 -11.26 16.44
C GLN B 12 -16.58 -10.18 15.61
N PRO B 13 -17.35 -9.32 14.93
CA PRO B 13 -16.71 -8.21 14.20
C PRO B 13 -15.94 -7.27 15.11
N GLU B 14 -16.35 -7.18 16.38
CA GLU B 14 -15.58 -6.40 17.36
C GLU B 14 -14.13 -6.86 17.47
N ASP B 15 -13.84 -8.12 17.13
CA ASP B 15 -12.54 -8.73 17.45
C ASP B 15 -11.49 -8.54 16.37
N GLY B 16 -11.75 -7.71 15.36
CA GLY B 16 -10.85 -7.65 14.21
C GLY B 16 -9.44 -7.25 14.57
N GLU B 17 -9.30 -6.19 15.38
CA GLU B 17 -7.97 -5.72 15.77
C GLU B 17 -7.23 -6.78 16.59
N ALA B 18 -7.94 -7.43 17.52
CA ALA B 18 -7.30 -8.48 18.31
C ALA B 18 -6.87 -9.66 17.44
N VAL B 19 -7.63 -9.97 16.39
CA VAL B 19 -7.25 -11.05 15.48
C VAL B 19 -5.98 -10.69 14.72
N ILE B 20 -5.90 -9.45 14.22
CA ILE B 20 -4.65 -8.99 13.57
C ILE B 20 -3.49 -9.13 14.53
N ALA B 21 -3.64 -8.57 15.74
CA ALA B 21 -2.59 -8.61 16.75
C ALA B 21 -2.09 -10.04 16.99
N MET B 22 -3.02 -10.99 17.04
CA MET B 22 -2.63 -12.39 17.23
C MET B 22 -1.91 -12.95 16.01
N LEU B 23 -2.34 -12.57 14.79
CA LEU B 23 -1.69 -13.05 13.57
C LEU B 23 -0.31 -12.40 13.38
N LYS B 24 -0.15 -11.16 13.85
CA LYS B 24 1.15 -10.50 13.83
C LYS B 24 2.14 -11.10 14.83
N THR B 25 1.67 -11.77 15.88
CA THR B 25 2.60 -12.36 16.84
C THR B 25 3.21 -13.67 16.34
N PHE B 26 2.43 -14.48 15.65
CA PHE B 26 2.89 -15.81 15.26
C PHE B 26 2.80 -16.04 13.76
N PHE B 27 1.70 -15.67 13.15
CA PHE B 27 1.37 -16.28 11.87
C PHE B 27 2.00 -15.56 10.68
N PHE B 28 2.06 -14.23 10.68
CA PHE B 28 2.54 -13.50 9.51
C PHE B 28 4.04 -13.67 9.29
N LYS B 29 4.81 -14.03 10.31
CA LYS B 29 6.25 -14.21 10.13
C LYS B 29 6.64 -15.65 9.91
N ALA B 30 5.76 -16.59 10.21
CA ALA B 30 6.05 -18.00 10.04
C ALA B 30 5.61 -18.55 8.69
N GLU B 31 4.63 -17.94 8.03
CA GLU B 31 4.11 -18.49 6.79
C GLU B 31 5.24 -18.59 5.76
N PRO B 32 5.44 -19.77 5.14
CA PRO B 32 6.67 -19.98 4.35
C PRO B 32 6.79 -19.13 3.10
N LEU B 33 5.68 -18.72 2.48
CA LEU B 33 5.82 -17.85 1.31
C LEU B 33 6.21 -16.44 1.72
N ASN B 34 5.64 -15.96 2.84
CA ASN B 34 6.07 -14.72 3.48
C ASN B 34 7.59 -14.71 3.69
N THR B 35 8.05 -15.67 4.50
CA THR B 35 9.47 -15.93 4.75
C THR B 35 10.28 -15.92 3.45
N PHE B 36 9.91 -16.77 2.49
CA PHE B 36 10.75 -16.90 1.30
C PHE B 36 10.90 -15.56 0.57
N LEU B 37 9.81 -14.78 0.46
CA LEU B 37 9.86 -13.48 -0.19
C LEU B 37 10.36 -12.38 0.72
N ASP B 38 10.56 -12.66 2.01
CA ASP B 38 10.89 -11.63 3.01
C ASP B 38 9.84 -10.53 3.04
N LEU B 39 8.60 -10.87 2.72
CA LEU B 39 7.49 -9.99 3.04
C LEU B 39 7.36 -9.93 4.56
N GLY B 40 7.14 -8.75 5.09
CA GLY B 40 6.93 -8.74 6.52
C GLY B 40 5.50 -8.39 6.88
N GLU B 41 5.38 -7.21 7.45
CA GLU B 41 4.09 -6.56 7.67
C GLU B 41 3.66 -5.89 6.37
N CYS B 42 2.37 -5.97 6.06
CA CYS B 42 1.86 -5.48 4.80
C CYS B 42 0.35 -5.28 4.92
N LYS B 43 -0.12 -4.08 4.60
CA LYS B 43 -1.53 -3.74 4.81
C LYS B 43 -2.45 -4.62 3.96
N GLU B 44 -2.11 -4.80 2.69
CA GLU B 44 -2.90 -5.69 1.84
C GLU B 44 -2.98 -7.09 2.43
N LEU B 45 -1.88 -7.59 2.98
CA LEU B 45 -1.88 -8.92 3.60
C LEU B 45 -2.83 -8.96 4.79
N GLU B 46 -2.78 -7.94 5.65
CA GLU B 46 -3.68 -7.84 6.79
C GLU B 46 -5.14 -7.80 6.34
N LYS B 47 -5.47 -6.86 5.44
CA LYS B 47 -6.86 -6.75 5.02
C LYS B 47 -7.33 -8.03 4.33
N TYR B 48 -6.49 -8.62 3.46
CA TYR B 48 -6.83 -9.91 2.85
C TYR B 48 -7.03 -11.00 3.89
N SER B 49 -6.19 -11.02 4.94
CA SER B 49 -6.36 -12.01 5.99
C SER B 49 -7.68 -11.82 6.73
N LEU B 50 -8.15 -10.56 6.84
CA LEU B 50 -9.32 -10.24 7.63
C LEU B 50 -10.63 -10.41 6.87
N LYS B 51 -10.60 -10.34 5.53
CA LYS B 51 -11.78 -10.48 4.68
C LYS B 51 -12.80 -11.51 5.13
N PRO B 52 -12.45 -12.72 5.58
CA PRO B 52 -13.49 -13.72 5.90
C PRO B 52 -14.44 -13.31 7.02
N LEU B 53 -14.00 -12.49 7.99
CA LEU B 53 -14.71 -12.33 9.26
C LEU B 53 -16.21 -12.07 9.11
N PRO B 54 -16.68 -11.18 8.23
CA PRO B 54 -18.14 -10.95 8.10
C PRO B 54 -18.95 -12.17 7.63
N ASP B 55 -18.31 -13.22 7.10
CA ASP B 55 -19.07 -14.43 6.85
C ASP B 55 -19.57 -15.07 8.15
N ASN B 56 -19.06 -14.62 9.31
CA ASN B 56 -19.52 -15.05 10.64
C ASN B 56 -19.42 -16.56 10.85
N CYS B 57 -18.34 -17.17 10.35
CA CYS B 57 -18.12 -18.56 10.67
C CYS B 57 -16.67 -18.83 11.00
N SER B 58 -15.98 -17.83 11.54
CA SER B 58 -14.59 -17.93 11.96
C SER B 58 -14.54 -18.09 13.47
N TYR B 59 -13.66 -18.96 13.96
CA TYR B 59 -13.64 -19.29 15.36
C TYR B 59 -12.27 -19.01 15.97
N LYS B 60 -12.28 -18.85 17.29
CA LYS B 60 -11.12 -18.42 18.05
C LYS B 60 -11.05 -19.22 19.34
N ALA B 61 -9.83 -19.59 19.73
CA ALA B 61 -9.56 -20.21 21.01
C ALA B 61 -9.12 -19.12 21.99
N VAL B 62 -9.75 -19.10 23.16
CA VAL B 62 -9.67 -17.99 24.12
C VAL B 62 -9.15 -18.55 25.44
N ASN B 63 -8.17 -17.87 26.05
CA ASN B 63 -7.66 -18.41 27.31
C ASN B 63 -8.46 -17.84 28.47
N LYS B 64 -8.09 -18.22 29.70
CA LYS B 64 -8.87 -17.77 30.86
C LYS B 64 -8.75 -16.25 31.05
N LYS B 65 -7.69 -15.61 30.54
CA LYS B 65 -7.60 -14.16 30.56
C LYS B 65 -8.45 -13.49 29.49
N GLY B 66 -9.06 -14.25 28.57
CA GLY B 66 -9.81 -13.64 27.49
C GLY B 66 -8.99 -13.32 26.25
N GLU B 67 -7.76 -13.80 26.18
CA GLU B 67 -6.91 -13.50 25.03
C GLU B 67 -7.10 -14.55 23.95
N ILE B 68 -7.08 -14.09 22.71
CA ILE B 68 -7.08 -15.02 21.58
C ILE B 68 -5.73 -15.73 21.53
N ILE B 69 -5.76 -17.06 21.65
CA ILE B 69 -4.59 -17.90 21.60
C ILE B 69 -4.61 -18.84 20.40
N GLY B 70 -5.61 -18.70 19.53
CA GLY B 70 -5.72 -19.50 18.33
C GLY B 70 -6.92 -19.06 17.50
N VAL B 71 -6.80 -19.07 16.18
CA VAL B 71 -7.94 -18.76 15.32
C VAL B 71 -7.99 -19.75 14.18
N PHE B 72 -9.20 -19.98 13.68
CA PHE B 72 -9.40 -20.63 12.38
C PHE B 72 -10.36 -19.72 11.61
N LEU B 73 -9.81 -18.89 10.73
CA LEU B 73 -10.64 -18.00 9.92
C LEU B 73 -11.24 -18.79 8.75
N ASN B 74 -12.56 -18.70 8.59
CA ASN B 74 -13.27 -19.43 7.54
C ASN B 74 -14.12 -18.48 6.72
N GLY B 75 -14.33 -18.83 5.45
CA GLY B 75 -15.23 -18.09 4.60
C GLY B 75 -16.22 -19.02 3.93
N LEU B 76 -17.26 -18.41 3.35
CA LEU B 76 -18.29 -19.13 2.62
C LEU B 76 -17.94 -19.14 1.14
N MET B 77 -18.03 -20.31 0.51
CA MET B 77 -17.88 -20.46 -0.94
C MET B 77 -19.20 -20.97 -1.49
N ARG B 78 -19.84 -20.15 -2.30
CA ARG B 78 -21.04 -20.52 -3.00
C ARG B 78 -20.66 -21.00 -4.40
N ARG B 79 -21.38 -21.99 -4.90
CA ARG B 79 -21.17 -22.38 -6.29
C ARG B 79 -21.42 -21.17 -7.18
N PRO B 80 -20.47 -20.81 -8.07
CA PRO B 80 -20.68 -19.68 -8.99
C PRO B 80 -21.92 -19.83 -9.87
N SER B 81 -22.52 -18.70 -10.28
CA SER B 81 -23.92 -18.58 -10.72
C SER B 81 -24.35 -19.13 -12.09
N PRO B 82 -23.46 -19.54 -13.00
CA PRO B 82 -22.05 -19.25 -13.28
C PRO B 82 -21.95 -18.55 -14.64
N ASP B 83 -21.89 -17.21 -14.61
CA ASP B 83 -21.56 -16.45 -15.82
C ASP B 83 -20.34 -17.03 -16.53
N ASP B 84 -19.23 -17.30 -15.81
CA ASP B 84 -18.98 -16.97 -14.40
C ASP B 84 -17.86 -15.94 -14.28
N VAL B 85 -16.69 -16.33 -14.77
CA VAL B 85 -15.47 -15.53 -14.76
C VAL B 85 -15.05 -15.21 -13.32
N PRO B 86 -14.14 -15.99 -12.73
CA PRO B 86 -13.62 -15.60 -11.40
C PRO B 86 -12.85 -14.30 -11.49
N GLU B 87 -12.79 -13.57 -10.37
CA GLU B 87 -11.91 -12.42 -10.26
C GLU B 87 -10.49 -12.91 -10.00
N LYS B 88 -9.52 -12.25 -10.63
CA LYS B 88 -8.11 -12.43 -10.29
C LYS B 88 -7.79 -11.47 -9.14
N ALA B 89 -7.50 -12.02 -7.96
CA ALA B 89 -7.19 -11.15 -6.83
C ALA B 89 -5.82 -10.51 -6.95
N ALA B 90 -4.91 -11.11 -7.72
CA ALA B 90 -3.62 -10.49 -8.00
C ALA B 90 -3.78 -9.13 -8.66
N ASP B 91 -4.76 -8.99 -9.56
CA ASP B 91 -5.16 -7.66 -9.98
C ASP B 91 -5.83 -6.95 -8.81
N SER B 92 -5.72 -5.63 -8.79
CA SER B 92 -6.12 -4.78 -7.67
C SER B 92 -5.12 -4.83 -6.52
N CYS B 93 -4.19 -5.80 -6.52
CA CYS B 93 -3.12 -5.80 -5.52
C CYS B 93 -1.95 -4.95 -6.01
N GLU B 94 -1.45 -4.07 -5.14
CA GLU B 94 -0.36 -3.22 -5.55
C GLU B 94 0.96 -3.48 -4.82
N HIS B 95 0.93 -4.18 -3.70
CA HIS B 95 2.15 -4.68 -3.11
C HIS B 95 2.79 -5.69 -4.06
N PRO B 96 4.01 -5.48 -4.54
CA PRO B 96 4.58 -6.42 -5.51
C PRO B 96 4.89 -7.80 -4.93
N LYS B 97 5.23 -7.91 -3.64
CA LYS B 97 5.46 -9.23 -3.09
C LYS B 97 4.15 -9.96 -2.80
N PHE B 98 3.18 -9.27 -2.18
CA PHE B 98 1.90 -9.93 -1.94
C PHE B 98 1.20 -10.28 -3.26
N LYS B 99 1.42 -9.49 -4.30
CA LYS B 99 0.85 -9.84 -5.62
C LYS B 99 1.44 -11.14 -6.16
N LYS B 100 2.70 -11.45 -5.85
CA LYS B 100 3.26 -12.75 -6.21
C LYS B 100 2.45 -13.88 -5.57
N ILE B 101 2.13 -13.75 -4.28
CA ILE B 101 1.36 -14.77 -3.59
C ILE B 101 -0.05 -14.85 -4.15
N LEU B 102 -0.69 -13.69 -4.37
CA LEU B 102 -2.06 -13.72 -4.87
C LEU B 102 -2.11 -14.26 -6.30
N SER B 103 -1.06 -14.02 -7.09
CA SER B 103 -1.03 -14.60 -8.43
C SER B 103 -1.01 -16.12 -8.36
N LEU B 104 -0.22 -16.69 -7.44
CA LEU B 104 -0.20 -18.14 -7.26
C LEU B 104 -1.59 -18.66 -6.85
N MET B 105 -2.28 -17.97 -5.94
CA MET B 105 -3.60 -18.41 -5.52
C MET B 105 -4.60 -18.39 -6.66
N ASP B 106 -4.59 -17.33 -7.48
CA ASP B 106 -5.40 -17.33 -8.71
C ASP B 106 -5.03 -18.51 -9.59
N HIS B 107 -3.75 -18.88 -9.60
CA HIS B 107 -3.32 -19.98 -10.46
C HIS B 107 -3.82 -21.31 -9.95
N VAL B 108 -3.90 -21.51 -8.64
CA VAL B 108 -4.53 -22.72 -8.13
C VAL B 108 -5.97 -22.78 -8.59
N GLU B 109 -6.67 -21.64 -8.51
CA GLU B 109 -8.09 -21.58 -8.84
C GLU B 109 -8.33 -21.97 -10.30
N GLU B 110 -7.46 -21.56 -11.22
CA GLU B 110 -7.62 -21.96 -12.61
C GLU B 110 -7.25 -23.40 -12.86
N GLN B 111 -6.39 -23.99 -12.02
CA GLN B 111 -6.02 -25.38 -12.24
C GLN B 111 -6.89 -26.37 -11.46
N PHE B 112 -7.66 -25.93 -10.48
CA PHE B 112 -8.42 -26.88 -9.69
C PHE B 112 -9.70 -26.23 -9.20
N ASN B 113 -10.86 -26.79 -9.60
CA ASN B 113 -12.18 -26.29 -9.22
C ASN B 113 -12.82 -27.31 -8.26
N ILE B 114 -12.79 -26.99 -6.97
CA ILE B 114 -13.33 -27.89 -5.94
C ILE B 114 -14.81 -28.18 -6.17
N PHE B 115 -15.54 -27.26 -6.81
CA PHE B 115 -16.97 -27.47 -7.00
C PHE B 115 -17.27 -28.48 -8.10
N ASP B 116 -16.30 -28.76 -9.00
CA ASP B 116 -16.43 -29.85 -9.95
C ASP B 116 -16.32 -31.22 -9.27
N VAL B 117 -15.55 -31.29 -8.18
CA VAL B 117 -15.36 -32.54 -7.43
C VAL B 117 -16.62 -32.97 -6.70
N TYR B 118 -17.42 -31.98 -6.22
CA TYR B 118 -18.62 -32.20 -5.40
C TYR B 118 -19.82 -31.54 -6.06
N PRO B 119 -20.45 -32.22 -7.02
CA PRO B 119 -21.52 -31.54 -7.79
C PRO B 119 -22.81 -31.40 -7.01
N ASP B 120 -23.01 -32.18 -5.94
CA ASP B 120 -24.17 -32.01 -5.07
C ASP B 120 -24.00 -30.88 -4.06
N GLU B 121 -22.89 -30.14 -4.09
CA GLU B 121 -22.68 -29.05 -3.14
C GLU B 121 -22.91 -27.71 -3.82
N GLU B 122 -23.71 -26.86 -3.18
CA GLU B 122 -23.88 -25.47 -3.59
C GLU B 122 -23.22 -24.50 -2.63
N LEU B 123 -22.69 -24.97 -1.52
CA LEU B 123 -22.06 -24.12 -0.52
C LEU B 123 -20.95 -24.91 0.12
N ILE B 124 -19.74 -24.35 0.11
CA ILE B 124 -18.57 -25.01 0.67
C ILE B 124 -17.91 -24.05 1.66
N LEU B 125 -17.56 -24.55 2.84
CA LEU B 125 -16.78 -23.76 3.79
C LEU B 125 -15.31 -23.72 3.34
N ASP B 126 -14.67 -22.59 3.55
CA ASP B 126 -13.31 -22.35 3.10
C ASP B 126 -12.46 -22.03 4.32
N GLY B 127 -11.63 -22.96 4.77
CA GLY B 127 -10.70 -22.70 5.86
C GLY B 127 -9.50 -21.92 5.38
N LYS B 128 -9.33 -20.69 5.86
CA LYS B 128 -8.34 -19.80 5.28
C LYS B 128 -7.08 -19.64 6.12
N ILE B 129 -7.21 -19.34 7.41
CA ILE B 129 -6.03 -19.13 8.27
C ILE B 129 -6.23 -19.89 9.58
N LEU B 130 -5.30 -20.80 9.88
CA LEU B 130 -5.25 -21.53 11.14
C LEU B 130 -3.92 -21.21 11.81
N SER B 131 -3.98 -20.61 13.00
CA SER B 131 -2.80 -20.26 13.77
C SER B 131 -3.11 -20.52 15.24
N VAL B 132 -2.14 -21.08 15.96
CA VAL B 132 -2.25 -21.36 17.39
C VAL B 132 -1.01 -20.81 18.09
N ASP B 133 -1.22 -19.96 19.10
CA ASP B 133 -0.16 -19.49 19.97
C ASP B 133 0.70 -20.66 20.43
N THR B 134 2.02 -20.53 20.27
CA THR B 134 2.91 -21.62 20.65
C THR B 134 2.77 -22.02 22.12
N ASN B 135 2.43 -21.08 23.01
CA ASN B 135 2.26 -21.50 24.41
C ASN B 135 1.01 -22.37 24.62
N TYR B 136 0.19 -22.58 23.59
CA TYR B 136 -1.06 -23.32 23.74
C TYR B 136 -1.17 -24.48 22.75
N ARG B 137 -0.11 -24.74 21.99
CA ARG B 137 -0.08 -25.87 21.08
C ARG B 137 -0.06 -27.20 21.83
N GLY B 138 -0.50 -28.25 21.15
CA GLY B 138 -0.45 -29.57 21.70
C GLY B 138 -1.61 -29.93 22.58
N LEU B 139 -2.59 -29.02 22.73
CA LEU B 139 -3.74 -29.23 23.59
C LEU B 139 -5.03 -29.45 22.79
N GLY B 140 -4.92 -29.81 21.52
CA GLY B 140 -6.09 -30.11 20.73
C GLY B 140 -6.85 -28.92 20.16
N ILE B 141 -6.23 -27.73 20.12
CA ILE B 141 -6.97 -26.51 19.74
C ILE B 141 -7.40 -26.56 18.27
N ALA B 142 -6.49 -26.99 17.38
CA ALA B 142 -6.83 -27.09 15.97
C ALA B 142 -7.99 -28.05 15.75
N GLY B 143 -8.01 -29.17 16.45
CA GLY B 143 -9.13 -30.09 16.31
C GLY B 143 -10.41 -29.51 16.88
N ARG B 144 -10.31 -28.71 17.94
CA ARG B 144 -11.53 -28.16 18.53
C ARG B 144 -12.10 -27.01 17.71
N LEU B 145 -11.24 -26.22 17.07
CA LEU B 145 -11.71 -25.19 16.15
C LEU B 145 -12.32 -25.81 14.90
N THR B 146 -11.77 -26.94 14.45
CA THR B 146 -12.33 -27.62 13.29
C THR B 146 -13.69 -28.22 13.63
N GLU B 147 -13.78 -28.88 14.79
CA GLU B 147 -15.07 -29.45 15.20
C GLU B 147 -16.12 -28.37 15.38
N ARG B 148 -15.72 -27.19 15.83
CA ARG B 148 -16.67 -26.09 15.87
C ARG B 148 -17.16 -25.76 14.47
N ALA B 149 -16.27 -25.83 13.46
CA ALA B 149 -16.72 -25.58 12.10
C ALA B 149 -17.69 -26.66 11.62
N TYR B 150 -17.48 -27.93 12.02
CA TYR B 150 -18.43 -28.99 11.67
C TYR B 150 -19.83 -28.68 12.17
N GLU B 151 -19.95 -28.05 13.34
CA GLU B 151 -21.29 -27.73 13.82
C GLU B 151 -21.91 -26.59 13.02
N TYR B 152 -21.11 -25.61 12.63
CA TYR B 152 -21.61 -24.60 11.69
C TYR B 152 -22.08 -25.26 10.40
N MET B 153 -21.28 -26.20 9.87
CA MET B 153 -21.63 -26.84 8.62
C MET B 153 -22.93 -27.61 8.72
N ARG B 154 -23.15 -28.28 9.86
CA ARG B 154 -24.37 -29.04 10.02
C ARG B 154 -25.59 -28.12 10.12
N GLU B 155 -25.45 -27.01 10.84
CA GLU B 155 -26.50 -26.03 10.98
C GLU B 155 -26.89 -25.39 9.64
N ASN B 156 -25.97 -25.35 8.67
CA ASN B 156 -26.19 -24.61 7.45
C ASN B 156 -26.15 -25.49 6.20
N GLY B 157 -26.40 -26.79 6.35
CA GLY B 157 -26.43 -27.72 5.23
C GLY B 157 -25.13 -27.89 4.46
N ILE B 158 -23.98 -27.51 5.03
CA ILE B 158 -22.69 -27.62 4.35
C ILE B 158 -22.06 -28.99 4.61
N ASN B 159 -21.51 -29.61 3.55
CA ASN B 159 -20.92 -30.92 3.62
C ASN B 159 -19.43 -30.97 3.35
N VAL B 160 -18.83 -29.94 2.76
CA VAL B 160 -17.42 -29.98 2.38
C VAL B 160 -16.66 -28.86 3.06
N TYR B 161 -15.59 -29.22 3.77
CA TYR B 161 -14.66 -28.28 4.37
C TYR B 161 -13.38 -28.32 3.55
N HIS B 162 -13.01 -27.18 2.96
CA HIS B 162 -11.93 -27.07 1.98
C HIS B 162 -10.88 -26.12 2.53
N VAL B 163 -9.61 -26.56 2.53
CA VAL B 163 -8.53 -25.84 3.18
C VAL B 163 -7.29 -25.83 2.28
N LEU B 164 -7.03 -24.71 1.62
CA LEU B 164 -5.81 -24.57 0.84
C LEU B 164 -4.65 -24.28 1.78
N CYS B 165 -3.62 -25.10 1.74
CA CYS B 165 -2.43 -24.91 2.56
C CYS B 165 -1.22 -24.57 1.69
N SER B 166 -0.52 -23.51 2.06
CA SER B 166 0.81 -23.28 1.54
C SER B 166 1.89 -23.78 2.49
N SER B 167 1.54 -24.03 3.75
CA SER B 167 2.44 -24.66 4.70
C SER B 167 2.22 -26.16 4.75
N HIS B 168 3.31 -26.92 4.62
CA HIS B 168 3.21 -28.36 4.86
C HIS B 168 2.76 -28.67 6.28
N TYR B 169 3.13 -27.83 7.24
CA TYR B 169 2.69 -28.05 8.62
C TYR B 169 1.18 -27.87 8.76
N SER B 170 0.59 -26.89 8.04
CA SER B 170 -0.87 -26.74 8.02
C SER B 170 -1.53 -27.96 7.38
N ALA B 171 -1.00 -28.44 6.26
CA ALA B 171 -1.57 -29.61 5.61
C ALA B 171 -1.43 -30.85 6.50
N ARG B 172 -0.31 -30.99 7.21
CA ARG B 172 -0.12 -32.15 8.08
C ARG B 172 -1.17 -32.16 9.18
N VAL B 173 -1.48 -30.99 9.74
CA VAL B 173 -2.48 -30.90 10.80
C VAL B 173 -3.85 -31.32 10.26
N MET B 174 -4.21 -30.83 9.06
CA MET B 174 -5.52 -31.16 8.48
C MET B 174 -5.61 -32.62 8.12
N GLU B 175 -4.51 -33.20 7.62
CA GLU B 175 -4.50 -34.63 7.36
C GLU B 175 -4.71 -35.41 8.64
N LYS B 176 -4.00 -35.01 9.71
CA LYS B 176 -4.17 -35.64 11.01
C LYS B 176 -5.63 -35.55 11.46
N LEU B 177 -6.36 -34.50 11.03
CA LEU B 177 -7.77 -34.34 11.36
C LEU B 177 -8.71 -35.00 10.35
N GLY B 178 -8.19 -35.85 9.46
CA GLY B 178 -9.03 -36.61 8.56
C GLY B 178 -9.26 -35.99 7.20
N PHE B 179 -8.68 -34.82 6.95
CA PHE B 179 -8.72 -34.25 5.62
C PHE B 179 -7.79 -35.03 4.69
N HIS B 180 -8.04 -34.94 3.39
CA HIS B 180 -7.14 -35.55 2.43
C HIS B 180 -6.78 -34.55 1.34
N GLU B 181 -5.66 -34.79 0.68
CA GLU B 181 -5.20 -33.94 -0.40
C GLU B 181 -5.99 -34.21 -1.68
N VAL B 182 -6.72 -33.21 -2.16
CA VAL B 182 -7.45 -33.36 -3.42
C VAL B 182 -6.74 -32.68 -4.58
N PHE B 183 -5.73 -31.86 -4.32
CA PHE B 183 -4.96 -31.18 -5.36
C PHE B 183 -3.60 -30.78 -4.78
N ARG B 184 -2.57 -30.86 -5.60
CA ARG B 184 -1.25 -30.39 -5.21
C ARG B 184 -0.60 -29.63 -6.36
N MET B 185 0.07 -28.54 -6.04
CA MET B 185 0.88 -27.82 -7.00
C MET B 185 2.26 -27.62 -6.42
N GLN B 186 3.26 -28.21 -7.06
CA GLN B 186 4.64 -28.04 -6.59
C GLN B 186 5.15 -26.63 -6.89
N PHE B 187 5.85 -26.02 -5.91
CA PHE B 187 6.41 -24.69 -6.12
C PHE B 187 7.43 -24.70 -7.25
N ALA B 188 8.13 -25.82 -7.45
CA ALA B 188 9.13 -25.91 -8.52
C ALA B 188 8.51 -26.11 -9.90
N ASP B 189 7.22 -26.40 -9.99
CA ASP B 189 6.52 -26.44 -11.27
C ASP B 189 5.79 -25.13 -11.57
N TYR B 190 5.60 -24.27 -10.58
CA TYR B 190 4.98 -22.96 -10.79
C TYR B 190 5.99 -22.04 -11.46
N LYS B 191 5.90 -21.93 -12.79
CA LYS B 191 6.75 -21.03 -13.57
C LYS B 191 5.87 -20.20 -14.50
N PRO B 192 5.15 -19.21 -13.96
CA PRO B 192 4.18 -18.46 -14.80
C PRO B 192 4.82 -17.76 -16.00
N GLN B 193 5.95 -17.09 -15.82
CA GLN B 193 6.65 -16.43 -16.92
C GLN B 193 7.96 -17.16 -17.22
N GLY B 194 7.91 -18.49 -17.21
CA GLY B 194 9.05 -19.32 -17.55
C GLY B 194 10.06 -19.50 -16.44
N GLU B 195 9.86 -18.87 -15.28
CA GLU B 195 10.82 -18.94 -14.19
C GLU B 195 10.14 -19.36 -12.90
N VAL B 196 10.90 -20.04 -12.06
CA VAL B 196 10.47 -20.36 -10.70
C VAL B 196 10.25 -19.06 -9.93
N VAL B 197 9.11 -18.97 -9.24
CA VAL B 197 8.82 -17.81 -8.41
C VAL B 197 9.03 -18.12 -6.93
N PHE B 198 8.63 -19.31 -6.48
CA PHE B 198 8.63 -19.64 -5.06
C PHE B 198 9.51 -20.86 -4.83
N LYS B 199 10.49 -20.72 -3.93
CA LYS B 199 11.35 -21.83 -3.51
C LYS B 199 11.55 -21.78 -1.99
N PRO B 200 10.48 -22.01 -1.23
CA PRO B 200 10.59 -21.85 0.22
C PRO B 200 11.37 -23.00 0.84
N ALA B 201 11.65 -22.86 2.14
CA ALA B 201 12.42 -23.88 2.85
C ALA B 201 11.69 -25.22 2.85
N ALA B 202 12.45 -26.31 2.72
CA ALA B 202 11.89 -27.62 2.96
C ALA B 202 11.33 -27.67 4.38
N PRO B 203 10.22 -28.39 4.61
CA PRO B 203 9.51 -29.32 3.71
C PRO B 203 8.36 -28.70 2.88
N HIS B 204 8.27 -27.37 2.81
CA HIS B 204 7.15 -26.75 2.10
C HIS B 204 7.43 -26.76 0.60
N VAL B 205 7.05 -27.86 -0.08
CA VAL B 205 7.40 -28.07 -1.48
C VAL B 205 6.28 -27.73 -2.44
N GLY B 206 5.05 -27.57 -1.96
CA GLY B 206 4.00 -27.18 -2.88
C GLY B 206 2.74 -26.80 -2.12
N ILE B 207 1.77 -26.26 -2.88
CA ILE B 207 0.43 -26.08 -2.34
C ILE B 207 -0.25 -27.43 -2.21
N GLN B 208 -0.96 -27.64 -1.11
CA GLN B 208 -1.84 -28.80 -0.96
C GLN B 208 -3.23 -28.26 -0.65
N VAL B 209 -4.20 -28.67 -1.44
CA VAL B 209 -5.58 -28.35 -1.16
C VAL B 209 -6.14 -29.56 -0.43
N MET B 210 -6.37 -29.40 0.87
CA MET B 210 -6.97 -30.44 1.68
C MET B 210 -8.48 -30.25 1.75
N ALA B 211 -9.21 -31.36 1.72
CA ALA B 211 -10.66 -31.35 1.72
C ALA B 211 -11.17 -32.46 2.62
N LYS B 212 -12.36 -32.25 3.16
CA LYS B 212 -13.05 -33.29 3.91
C LYS B 212 -14.53 -33.12 3.68
N GLU B 213 -15.22 -34.22 3.41
CA GLU B 213 -16.67 -34.22 3.34
C GLU B 213 -17.23 -35.01 4.51
N VAL B 214 -18.12 -34.40 5.27
CA VAL B 214 -18.68 -35.03 6.46
C VAL B 214 -20.12 -35.50 6.21
N1 EPE C . -4.47 19.71 -11.33
C2 EPE C . -4.50 20.65 -12.46
C3 EPE C . -3.84 21.98 -12.05
N4 EPE C . -2.68 21.84 -11.16
C5 EPE C . -2.70 20.81 -10.13
C6 EPE C . -3.18 19.47 -10.66
C7 EPE C . -1.77 22.98 -10.96
C8 EPE C . -2.18 24.27 -11.68
O8 EPE C . -1.39 25.37 -11.28
C9 EPE C . -5.61 18.83 -11.05
C10 EPE C . -6.03 18.10 -12.31
S EPE C . -6.42 16.37 -11.94
O1S EPE C . -7.86 16.13 -12.00
O2S EPE C . -6.01 16.12 -10.58
O3S EPE C . -5.67 15.51 -12.84
N1 EPE D . -0.24 -25.97 14.78
C2 EPE D . -1.22 -25.52 13.77
C3 EPE D . -0.51 -25.20 12.45
N4 EPE D . 0.72 -24.42 12.63
C5 EPE D . 1.58 -24.76 13.72
C6 EPE D . 0.78 -24.95 14.99
C7 EPE D . 1.36 -23.79 11.47
C8 EPE D . 0.39 -23.38 10.35
O8 EPE D . -0.37 -22.22 10.64
C9 EPE D . -0.87 -26.17 16.08
C10 EPE D . -1.52 -27.54 16.10
S EPE D . -2.43 -27.71 17.63
O1S EPE D . -3.31 -28.89 17.61
O2S EPE D . -1.49 -27.86 18.73
O3S EPE D . -3.23 -26.51 17.85
#